data_3SUT
#
_entry.id   3SUT
#
_cell.length_a   95.361
_cell.length_b   102.453
_cell.length_c   108.046
_cell.angle_alpha   90.00
_cell.angle_beta   90.00
_cell.angle_gamma   90.00
#
_symmetry.space_group_name_H-M   'C 2 2 21'
#
loop_
_entity.id
_entity.type
_entity.pdbx_description
1 polymer Beta-hexosaminidase
2 non-polymer 'SULFATE ION'
3 non-polymer 'O-(2-ACETAMIDO-2-DEOXY D-GLUCOPYRANOSYLIDENE) AMINO-N-PHENYLCARBAMATE'
4 water water
#
_entity_poly.entity_id   1
_entity_poly.type   'polypeptide(L)'
_entity_poly.pdbx_seq_one_letter_code
;MGSSHHHHHHSSGLVPRGSHMASMMSFIPESASASTSQPSILPKPVSYTVGSGQFVLTKNASIFVAGNNVGETDELFNIG
QALAKKLNASTGYTISVVKSNQPTAGSIYLTTVGGNAALGNEGYDLITTSNQVTLTANKPEGVFRGNQTLLQLLPAGIEK
NTVVSGVQWVIPHSNISDKPEYEYRGLMLDVARHFFTVDEVKRQIDLASQYKINKFHMHLSDDQGWRIEIKSWPDLIEIG
SKGQVGGGPGGYYTQEQFKDIVSYAAERYIEVIPEIDMPGHTNAALASYGELNPDGKRKAMRTDTAVGYSTLMPRAEITY
QFVEDVISELAAISPSPYIHLGGDESNATSAADYDYFFGRVTAIANSYGKKVVGWDPSDTSSGATSDSVLQNWTCSASTG
TAAKAKGMKVIVSPANAYLDMKYYSDSPIGLQWRGFVNTNRAYNWDPTDCIKGANIYGVESTLWTETFVTQDHLDYMLYP
KLLSNAEVGWTARGDRNWDDFKERLIEHTPRLQNKGIKFFADPIV
;
_entity_poly.pdbx_strand_id   A
#
# COMPACT_ATOMS: atom_id res chain seq x y z
N HIS A 7 -39.85 -3.33 -4.00
CA HIS A 7 -38.78 -3.79 -3.06
C HIS A 7 -38.28 -2.70 -2.10
N HIS A 8 -37.91 -3.11 -0.89
CA HIS A 8 -37.51 -2.19 0.18
C HIS A 8 -36.00 -2.23 0.38
N HIS A 9 -35.42 -1.05 0.64
CA HIS A 9 -33.97 -0.86 0.74
C HIS A 9 -33.62 0.05 1.92
N HIS A 10 -32.39 -0.07 2.44
CA HIS A 10 -31.95 0.79 3.54
C HIS A 10 -30.42 0.94 3.63
N SER A 11 -29.98 2.07 4.20
CA SER A 11 -28.59 2.26 4.56
C SER A 11 -28.30 1.81 6.01
N SER A 12 -27.03 1.62 6.33
CA SER A 12 -26.58 1.16 7.65
C SER A 12 -26.46 2.29 8.69
N GLY A 13 -26.98 2.04 9.89
CA GLY A 13 -26.69 2.89 11.05
C GLY A 13 -25.70 2.21 12.01
N LEU A 14 -25.40 2.87 13.13
CA LEU A 14 -24.54 2.25 14.15
C LEU A 14 -25.22 1.02 14.76
N VAL A 15 -24.42 0.06 15.18
CA VAL A 15 -24.96 -1.18 15.70
C VAL A 15 -25.49 -0.93 17.12
N PRO A 16 -26.74 -1.35 17.39
CA PRO A 16 -27.22 -1.20 18.78
C PRO A 16 -26.31 -1.96 19.75
N ARG A 17 -25.98 -1.30 20.87
CA ARG A 17 -25.22 -1.91 21.95
C ARG A 17 -23.71 -2.00 21.65
N GLY A 18 -23.26 -1.31 20.60
CA GLY A 18 -21.83 -1.15 20.35
C GLY A 18 -21.29 -2.01 19.21
N SER A 19 -20.00 -1.82 18.91
CA SER A 19 -19.35 -2.54 17.82
C SER A 19 -19.34 -4.04 18.05
N HIS A 20 -19.65 -4.81 17.00
CA HIS A 20 -19.38 -6.25 16.99
C HIS A 20 -17.89 -6.58 17.07
N MET A 21 -17.03 -5.65 16.69
CA MET A 21 -15.58 -5.86 16.76
C MET A 21 -14.97 -5.69 18.17
N SER A 37 -13.20 -24.48 9.09
CA SER A 37 -14.66 -24.43 9.25
C SER A 37 -15.26 -23.03 9.06
N GLN A 38 -14.61 -21.98 9.57
CA GLN A 38 -14.95 -20.59 9.18
C GLN A 38 -13.82 -19.72 8.60
N PRO A 39 -13.53 -19.91 7.30
CA PRO A 39 -12.63 -19.04 6.55
C PRO A 39 -13.11 -17.59 6.52
N SER A 40 -12.17 -16.67 6.41
CA SER A 40 -12.51 -15.24 6.42
C SER A 40 -11.69 -14.55 5.36
N ILE A 41 -12.15 -14.69 4.11
CA ILE A 41 -11.38 -14.14 2.99
C ILE A 41 -11.70 -12.67 2.73
N LEU A 42 -10.64 -11.88 2.78
CA LEU A 42 -10.74 -10.46 2.56
C LEU A 42 -9.47 -10.03 1.84
N PRO A 43 -9.58 -9.39 0.66
CA PRO A 43 -10.79 -9.02 -0.09
C PRO A 43 -11.56 -10.23 -0.62
N LYS A 44 -12.87 -10.05 -0.86
CA LYS A 44 -13.74 -11.07 -1.45
C LYS A 44 -13.19 -11.55 -2.80
N PRO A 45 -13.00 -12.87 -2.95
CA PRO A 45 -12.46 -13.42 -4.21
C PRO A 45 -13.53 -13.54 -5.30
N VAL A 46 -13.10 -13.70 -6.55
CA VAL A 46 -14.05 -13.79 -7.66
C VAL A 46 -15.09 -14.93 -7.42
N SER A 47 -14.62 -16.09 -6.94
CA SER A 47 -15.53 -17.18 -6.59
C SER A 47 -14.96 -18.04 -5.48
N TYR A 48 -15.88 -18.58 -4.69
CA TYR A 48 -15.54 -19.37 -3.53
C TYR A 48 -16.70 -20.34 -3.29
N THR A 49 -16.43 -21.63 -3.44
CA THR A 49 -17.45 -22.63 -3.10
C THR A 49 -16.83 -23.59 -2.11
N VAL A 50 -17.64 -24.19 -1.26
CA VAL A 50 -17.19 -25.08 -0.21
C VAL A 50 -17.95 -26.38 -0.42
N GLY A 51 -17.28 -27.51 -0.24
CA GLY A 51 -17.92 -28.81 -0.37
C GLY A 51 -17.72 -29.60 0.90
N SER A 52 -18.09 -30.88 0.89
CA SER A 52 -17.97 -31.68 2.09
C SER A 52 -16.54 -32.15 2.29
N GLY A 53 -16.15 -32.34 3.55
CA GLY A 53 -14.81 -32.81 3.91
C GLY A 53 -13.88 -31.66 4.28
N GLN A 54 -12.67 -32.00 4.71
CA GLN A 54 -11.68 -31.02 5.14
C GLN A 54 -10.26 -31.57 5.01
N PHE A 55 -9.32 -30.65 4.83
CA PHE A 55 -7.90 -30.94 4.83
C PHE A 55 -7.42 -30.64 6.24
N VAL A 56 -6.49 -31.45 6.75
CA VAL A 56 -5.91 -31.21 8.07
C VAL A 56 -4.42 -30.92 7.91
N LEU A 57 -3.98 -29.77 8.39
CA LEU A 57 -2.56 -29.45 8.40
C LEU A 57 -1.94 -30.06 9.66
N THR A 58 -1.00 -30.97 9.46
CA THR A 58 -0.36 -31.66 10.59
C THR A 58 1.13 -31.36 10.61
N LYS A 59 1.82 -31.86 11.66
CA LYS A 59 3.22 -31.55 11.89
C LYS A 59 4.15 -32.11 10.82
N ASN A 60 3.64 -33.10 10.08
CA ASN A 60 4.40 -33.73 9.00
C ASN A 60 4.17 -33.12 7.61
N ALA A 61 3.36 -32.07 7.52
CA ALA A 61 3.11 -31.43 6.23
C ALA A 61 4.39 -30.84 5.64
N SER A 62 4.53 -30.94 4.33
CA SER A 62 5.54 -30.17 3.58
C SER A 62 4.86 -29.29 2.54
N ILE A 63 5.56 -28.26 2.08
CA ILE A 63 5.13 -27.45 0.95
C ILE A 63 5.95 -27.87 -0.28
N PHE A 64 5.23 -28.32 -1.32
CA PHE A 64 5.83 -28.68 -2.59
C PHE A 64 5.69 -27.54 -3.58
N VAL A 65 6.75 -27.24 -4.33
CA VAL A 65 6.73 -26.19 -5.34
C VAL A 65 7.20 -26.70 -6.71
N ALA A 66 6.52 -26.23 -7.77
CA ALA A 66 6.83 -26.67 -9.14
C ALA A 66 6.48 -25.57 -10.11
N GLY A 67 7.49 -25.04 -10.78
CA GLY A 67 7.25 -24.06 -11.83
C GLY A 67 7.53 -24.64 -13.21
N ASN A 68 7.47 -23.79 -14.23
CA ASN A 68 7.62 -24.28 -15.60
C ASN A 68 9.06 -24.54 -16.05
N ASN A 69 10.00 -24.05 -15.25
CA ASN A 69 11.42 -24.23 -15.48
C ASN A 69 12.12 -24.05 -14.14
N VAL A 70 13.41 -24.34 -14.09
CA VAL A 70 14.12 -24.36 -12.81
C VAL A 70 14.17 -22.97 -12.14
N GLY A 71 14.32 -21.92 -12.93
CA GLY A 71 14.32 -20.55 -12.39
C GLY A 71 13.01 -20.20 -11.72
N GLU A 72 11.91 -20.59 -12.34
CA GLU A 72 10.58 -20.30 -11.77
C GLU A 72 10.34 -21.13 -10.50
N THR A 73 10.71 -22.41 -10.55
CA THR A 73 10.65 -23.25 -9.35
C THR A 73 11.46 -22.65 -8.21
N ASP A 74 12.64 -22.11 -8.50
CA ASP A 74 13.43 -21.45 -7.45
C ASP A 74 12.71 -20.25 -6.82
N GLU A 75 12.00 -19.46 -7.64
CA GLU A 75 11.24 -18.33 -7.09
C GLU A 75 10.08 -18.83 -6.24
N LEU A 76 9.40 -19.87 -6.72
CA LEU A 76 8.30 -20.46 -5.96
C LEU A 76 8.81 -21.03 -4.63
N PHE A 77 10.04 -21.54 -4.64
CA PHE A 77 10.67 -22.07 -3.42
C PHE A 77 10.79 -20.99 -2.33
N ASN A 78 11.24 -19.79 -2.72
CA ASN A 78 11.29 -18.66 -1.79
C ASN A 78 9.92 -18.32 -1.24
N ILE A 79 8.92 -18.28 -2.11
CA ILE A 79 7.54 -18.02 -1.70
C ILE A 79 7.06 -19.07 -0.70
N GLY A 80 7.30 -20.34 -1.02
CA GLY A 80 6.99 -21.47 -0.13
C GLY A 80 7.61 -21.29 1.24
N GLN A 81 8.88 -20.90 1.26
CA GLN A 81 9.58 -20.68 2.52
C GLN A 81 8.96 -19.57 3.38
N ALA A 82 8.50 -18.50 2.72
CA ALA A 82 7.79 -17.39 3.40
C ALA A 82 6.49 -17.90 4.04
N LEU A 83 5.77 -18.72 3.29
CA LEU A 83 4.53 -19.33 3.78
C LEU A 83 4.82 -20.26 4.95
N ALA A 84 5.82 -21.14 4.81
CA ALA A 84 6.23 -22.06 5.89
C ALA A 84 6.58 -21.31 7.18
N LYS A 85 7.35 -20.24 7.04
CA LYS A 85 7.66 -19.36 8.17
C LYS A 85 6.40 -18.90 8.89
N LYS A 86 5.41 -18.36 8.14
CA LYS A 86 4.15 -17.93 8.76
C LYS A 86 3.37 -19.06 9.45
N LEU A 87 3.26 -20.20 8.75
CA LEU A 87 2.54 -21.35 9.30
C LEU A 87 3.22 -21.92 10.54
N ASN A 88 4.55 -21.97 10.51
CA ASN A 88 5.34 -22.51 11.62
C ASN A 88 5.21 -21.67 12.90
N ALA A 89 5.04 -20.35 12.76
CA ALA A 89 5.02 -19.45 13.94
C ALA A 89 3.81 -19.72 14.85
N SER A 90 2.68 -20.06 14.25
CA SER A 90 1.43 -20.27 14.99
C SER A 90 1.19 -21.76 15.29
N THR A 91 1.57 -22.65 14.36
CA THR A 91 1.36 -24.08 14.59
C THR A 91 2.43 -24.65 15.52
N GLY A 92 3.59 -24.01 15.54
CA GLY A 92 4.77 -24.59 16.19
C GLY A 92 5.39 -25.73 15.40
N TYR A 93 4.91 -25.95 14.17
CA TYR A 93 5.47 -27.00 13.33
C TYR A 93 6.79 -26.54 12.71
N THR A 94 7.46 -27.45 12.00
CA THR A 94 8.60 -27.06 11.18
C THR A 94 8.40 -27.57 9.75
N ILE A 95 7.38 -27.02 9.10
CA ILE A 95 7.09 -27.33 7.70
C ILE A 95 8.25 -26.85 6.84
N SER A 96 8.76 -27.74 6.01
CA SER A 96 9.81 -27.40 5.07
C SER A 96 9.30 -27.48 3.64
N VAL A 97 10.11 -26.94 2.71
CA VAL A 97 9.73 -26.79 1.33
C VAL A 97 10.58 -27.70 0.43
N VAL A 98 9.93 -28.25 -0.59
CA VAL A 98 10.48 -29.31 -1.43
C VAL A 98 10.24 -28.88 -2.87
N LYS A 99 11.30 -28.91 -3.69
CA LYS A 99 11.15 -28.70 -5.13
C LYS A 99 10.78 -30.05 -5.76
N SER A 100 9.48 -30.22 -6.00
CA SER A 100 8.96 -31.46 -6.59
C SER A 100 7.54 -31.23 -7.04
N ASN A 101 7.14 -31.90 -8.13
CA ASN A 101 5.77 -31.82 -8.61
C ASN A 101 4.98 -33.08 -8.24
N GLN A 102 5.49 -33.83 -7.27
CA GLN A 102 4.81 -35.03 -6.74
C GLN A 102 4.45 -34.88 -5.27
N PRO A 103 3.55 -33.92 -4.95
CA PRO A 103 3.14 -33.78 -3.55
C PRO A 103 2.51 -35.06 -2.99
N THR A 104 2.75 -35.24 -1.70
CA THR A 104 2.36 -36.36 -0.90
C THR A 104 1.05 -36.01 -0.13
N ALA A 105 0.26 -36.98 0.34
CA ALA A 105 -0.97 -36.65 1.09
C ALA A 105 -0.63 -35.77 2.31
N GLY A 106 -1.47 -34.77 2.56
CA GLY A 106 -1.25 -33.79 3.65
C GLY A 106 -0.40 -32.58 3.25
N SER A 107 0.01 -32.54 1.97
CA SER A 107 0.86 -31.50 1.43
C SER A 107 0.08 -30.24 1.03
N ILE A 108 0.79 -29.11 1.06
CA ILE A 108 0.39 -27.93 0.32
C ILE A 108 1.24 -27.89 -0.97
N TYR A 109 0.62 -27.63 -2.11
CA TYR A 109 1.29 -27.66 -3.40
C TYR A 109 1.09 -26.31 -4.12
N LEU A 110 2.20 -25.65 -4.45
CA LEU A 110 2.18 -24.36 -5.13
C LEU A 110 2.80 -24.56 -6.49
N THR A 111 2.03 -24.25 -7.53
CA THR A 111 2.51 -24.44 -8.89
C THR A 111 2.06 -23.35 -9.85
N THR A 112 2.90 -23.08 -10.86
CA THR A 112 2.54 -22.22 -11.98
C THR A 112 2.33 -23.04 -13.28
N VAL A 113 2.37 -24.36 -13.20
CA VAL A 113 2.24 -25.19 -14.39
C VAL A 113 0.75 -25.33 -14.77
N GLY A 114 0.36 -24.77 -15.90
CA GLY A 114 -1.03 -24.82 -16.37
C GLY A 114 -1.96 -23.75 -15.79
N GLY A 115 -1.38 -22.67 -15.28
CA GLY A 115 -2.17 -21.52 -14.84
C GLY A 115 -3.19 -21.05 -15.88
N ASN A 116 -4.36 -20.64 -15.41
CA ASN A 116 -5.38 -20.06 -16.27
C ASN A 116 -5.03 -18.61 -16.64
N ALA A 117 -4.60 -18.41 -17.89
CA ALA A 117 -4.16 -17.09 -18.40
C ALA A 117 -5.17 -15.97 -18.19
N ALA A 118 -6.45 -16.32 -18.18
CA ALA A 118 -7.49 -15.33 -18.01
C ALA A 118 -7.40 -14.66 -16.64
N LEU A 119 -6.72 -15.31 -15.69
CA LEU A 119 -6.61 -14.76 -14.35
C LEU A 119 -5.45 -13.73 -14.21
N GLY A 120 -4.60 -13.60 -15.22
CA GLY A 120 -3.55 -12.60 -15.22
C GLY A 120 -2.42 -12.89 -14.26
N ASN A 121 -1.49 -11.93 -14.14
CA ASN A 121 -0.28 -12.09 -13.32
C ASN A 121 -0.54 -12.32 -11.82
N GLU A 122 -1.63 -11.74 -11.28
CA GLU A 122 -1.91 -11.80 -9.85
C GLU A 122 -3.00 -12.83 -9.48
N GLY A 123 -3.59 -13.45 -10.50
CA GLY A 123 -4.68 -14.41 -10.29
C GLY A 123 -4.23 -15.81 -9.95
N TYR A 124 -5.17 -16.62 -9.44
CA TYR A 124 -4.84 -17.96 -9.00
C TYR A 124 -6.13 -18.78 -8.86
N ASP A 125 -5.99 -20.10 -8.97
CA ASP A 125 -7.00 -21.04 -8.48
C ASP A 125 -6.43 -21.67 -7.22
N LEU A 126 -7.31 -21.93 -6.26
CA LEU A 126 -6.87 -22.49 -5.01
C LEU A 126 -7.89 -23.54 -4.66
N ILE A 127 -7.50 -24.80 -4.78
CA ILE A 127 -8.41 -25.91 -4.57
C ILE A 127 -7.89 -26.79 -3.44
N THR A 128 -8.75 -26.93 -2.42
CA THR A 128 -8.42 -27.71 -1.23
C THR A 128 -9.24 -28.97 -1.24
N THR A 129 -8.55 -30.10 -1.16
CA THR A 129 -9.20 -31.40 -1.12
C THR A 129 -8.89 -31.96 0.25
N SER A 130 -9.38 -33.17 0.54
CA SER A 130 -9.03 -33.79 1.80
C SER A 130 -7.54 -34.12 1.95
N ASN A 131 -6.90 -34.53 0.86
CA ASN A 131 -5.50 -34.89 0.92
C ASN A 131 -4.52 -33.76 0.60
N GLN A 132 -4.98 -32.71 -0.05
CA GLN A 132 -4.02 -31.76 -0.60
C GLN A 132 -4.56 -30.34 -0.83
N VAL A 133 -3.72 -29.35 -0.53
CA VAL A 133 -3.98 -27.97 -0.95
C VAL A 133 -3.20 -27.70 -2.23
N THR A 134 -3.88 -27.27 -3.27
CA THR A 134 -3.19 -26.94 -4.52
C THR A 134 -3.52 -25.53 -4.98
N LEU A 135 -2.48 -24.73 -5.13
CA LEU A 135 -2.63 -23.37 -5.57
C LEU A 135 -1.96 -23.33 -6.95
N THR A 136 -2.75 -22.98 -7.97
CA THR A 136 -2.27 -22.97 -9.35
C THR A 136 -2.38 -21.54 -9.86
N ALA A 137 -1.27 -20.95 -10.24
CA ALA A 137 -1.30 -19.59 -10.76
C ALA A 137 -0.56 -19.51 -12.09
N ASN A 138 -0.62 -18.34 -12.73
CA ASN A 138 0.15 -18.05 -13.93
C ASN A 138 1.61 -17.70 -13.64
N LYS A 139 1.82 -16.98 -12.54
CA LYS A 139 3.12 -16.42 -12.22
C LYS A 139 3.34 -16.58 -10.75
N PRO A 140 4.63 -16.58 -10.30
CA PRO A 140 4.94 -16.56 -8.86
C PRO A 140 4.18 -15.47 -8.08
N GLU A 141 4.08 -14.26 -8.65
CA GLU A 141 3.32 -13.20 -8.00
C GLU A 141 1.91 -13.67 -7.59
N GLY A 142 1.26 -14.43 -8.48
CA GLY A 142 -0.10 -14.91 -8.24
C GLY A 142 -0.16 -15.99 -7.18
N VAL A 143 0.89 -16.80 -7.10
CA VAL A 143 1.01 -17.77 -6.00
C VAL A 143 1.09 -17.00 -4.67
N PHE A 144 1.91 -15.94 -4.64
CA PHE A 144 2.00 -15.09 -3.43
C PHE A 144 0.64 -14.51 -3.00
N ARG A 145 -0.10 -13.95 -3.96
CA ARG A 145 -1.42 -13.38 -3.63
C ARG A 145 -2.33 -14.49 -3.14
N GLY A 146 -2.33 -15.63 -3.85
CA GLY A 146 -3.10 -16.82 -3.42
C GLY A 146 -2.78 -17.29 -2.01
N ASN A 147 -1.50 -17.20 -1.63
CA ASN A 147 -1.09 -17.60 -0.28
C ASN A 147 -1.76 -16.75 0.80
N GLN A 148 -2.13 -15.51 0.47
CA GLN A 148 -2.81 -14.63 1.44
C GLN A 148 -4.21 -15.14 1.71
N THR A 149 -4.84 -15.67 0.67
CA THR A 149 -6.14 -16.33 0.79
C THR A 149 -6.03 -17.62 1.59
N LEU A 150 -5.00 -18.43 1.29
CA LEU A 150 -4.75 -19.68 2.01
C LEU A 150 -4.68 -19.48 3.52
N LEU A 151 -3.94 -18.45 3.93
CA LEU A 151 -3.85 -18.09 5.36
C LEU A 151 -5.21 -17.76 5.95
N GLN A 152 -6.10 -17.20 5.14
CA GLN A 152 -7.46 -16.89 5.60
C GLN A 152 -8.42 -18.07 5.59
N LEU A 153 -8.03 -19.18 4.95
CA LEU A 153 -8.88 -20.39 4.93
C LEU A 153 -8.67 -21.25 6.15
N LEU A 154 -7.45 -21.21 6.70
CA LEU A 154 -7.10 -21.82 7.99
C LEU A 154 -7.78 -21.12 9.16
N PRO A 155 -7.96 -21.83 10.29
CA PRO A 155 -8.67 -21.22 11.43
C PRO A 155 -8.00 -19.96 11.96
N ALA A 156 -8.83 -19.03 12.44
CA ALA A 156 -8.31 -17.96 13.25
C ALA A 156 -7.44 -18.60 14.34
N GLY A 157 -6.29 -17.99 14.55
CA GLY A 157 -5.24 -18.56 15.37
C GLY A 157 -4.00 -18.74 14.51
N ILE A 158 -4.20 -19.10 13.24
CA ILE A 158 -3.08 -19.28 12.31
C ILE A 158 -2.23 -18.01 12.15
N GLU A 159 -2.83 -16.84 12.39
CA GLU A 159 -2.11 -15.58 12.15
C GLU A 159 -1.40 -15.07 13.39
N LYS A 160 -1.40 -15.89 14.43
CA LYS A 160 -0.68 -15.57 15.64
C LYS A 160 0.82 -15.63 15.36
N ASN A 161 1.59 -14.83 16.08
CA ASN A 161 3.03 -14.84 15.94
C ASN A 161 3.69 -15.75 16.95
N THR A 162 2.88 -16.39 17.79
CA THR A 162 3.38 -17.37 18.77
C THR A 162 2.52 -18.61 18.67
N VAL A 163 3.01 -19.74 19.19
CA VAL A 163 2.32 -21.04 19.02
C VAL A 163 0.94 -21.08 19.68
N VAL A 164 -0.07 -21.46 18.90
CA VAL A 164 -1.44 -21.63 19.38
C VAL A 164 -1.73 -23.11 19.62
N SER A 165 -2.20 -23.44 20.82
CA SER A 165 -2.57 -24.81 21.13
C SER A 165 -4.09 -24.96 21.17
N GLY A 166 -4.56 -26.19 21.01
CA GLY A 166 -5.98 -26.50 21.15
C GLY A 166 -6.83 -26.11 19.95
N VAL A 167 -6.18 -25.87 18.81
CA VAL A 167 -6.90 -25.56 17.58
C VAL A 167 -6.49 -26.55 16.51
N GLN A 168 -7.45 -27.31 16.00
CA GLN A 168 -7.16 -28.23 14.91
C GLN A 168 -6.98 -27.39 13.65
N TRP A 169 -5.88 -27.62 12.94
CA TRP A 169 -5.57 -26.76 11.78
C TRP A 169 -6.21 -27.30 10.50
N VAL A 170 -7.48 -26.97 10.31
CA VAL A 170 -8.28 -27.56 9.23
C VAL A 170 -8.61 -26.54 8.18
N ILE A 171 -8.84 -27.01 6.95
CA ILE A 171 -9.30 -26.17 5.86
C ILE A 171 -10.48 -26.90 5.18
N PRO A 172 -11.62 -26.21 4.99
CA PRO A 172 -12.74 -26.91 4.38
C PRO A 172 -12.40 -27.25 2.94
N HIS A 173 -12.91 -28.37 2.45
CA HIS A 173 -12.85 -28.68 1.03
C HIS A 173 -13.45 -27.49 0.30
N SER A 174 -12.67 -26.91 -0.62
CA SER A 174 -13.10 -25.65 -1.22
C SER A 174 -12.45 -25.36 -2.55
N ASN A 175 -13.08 -24.46 -3.29
CA ASN A 175 -12.64 -24.10 -4.64
C ASN A 175 -12.77 -22.60 -4.81
N ILE A 176 -11.63 -21.97 -5.05
CA ILE A 176 -11.55 -20.52 -5.21
C ILE A 176 -10.85 -20.22 -6.51
N SER A 177 -11.43 -19.30 -7.30
CA SER A 177 -10.73 -18.68 -8.42
C SER A 177 -10.72 -17.19 -8.13
N ASP A 178 -9.67 -16.49 -8.54
CA ASP A 178 -9.52 -15.08 -8.13
C ASP A 178 -8.55 -14.31 -8.99
N LYS A 179 -8.74 -12.98 -9.05
CA LYS A 179 -7.93 -12.06 -9.84
C LYS A 179 -8.37 -10.66 -9.43
N PRO A 180 -7.46 -9.66 -9.56
CA PRO A 180 -7.87 -8.33 -9.11
C PRO A 180 -8.66 -7.55 -10.17
N GLU A 181 -9.53 -6.67 -9.72
CA GLU A 181 -10.23 -5.72 -10.58
C GLU A 181 -9.28 -4.62 -11.06
N TYR A 182 -8.45 -4.09 -10.16
CA TYR A 182 -7.48 -3.04 -10.52
C TYR A 182 -6.06 -3.49 -10.33
N GLU A 183 -5.17 -3.04 -11.21
CA GLU A 183 -3.75 -3.36 -11.17
C GLU A 183 -2.99 -2.69 -10.01
N TYR A 184 -3.38 -1.47 -9.67
CA TYR A 184 -2.66 -0.68 -8.66
C TYR A 184 -3.53 -0.61 -7.41
N ARG A 185 -3.03 -1.17 -6.31
CA ARG A 185 -3.80 -1.21 -5.06
C ARG A 185 -2.82 -0.87 -3.95
N GLY A 186 -2.76 0.41 -3.60
CA GLY A 186 -1.63 0.85 -2.80
C GLY A 186 -1.94 1.50 -1.48
N LEU A 187 -0.87 1.66 -0.70
CA LEU A 187 -0.90 2.39 0.57
C LEU A 187 0.23 3.40 0.56
N MET A 188 -0.06 4.65 0.94
CA MET A 188 0.97 5.65 1.17
C MET A 188 1.15 5.87 2.67
N LEU A 189 2.40 5.86 3.12
CA LEU A 189 2.71 6.28 4.47
C LEU A 189 3.55 7.55 4.44
N ASP A 190 3.09 8.55 5.18
CA ASP A 190 3.79 9.84 5.35
C ASP A 190 4.79 9.63 6.52
N VAL A 191 6.09 9.62 6.20
CA VAL A 191 7.12 9.52 7.21
C VAL A 191 7.84 10.86 7.45
N ALA A 192 7.35 11.92 6.79
CA ALA A 192 7.89 13.27 6.93
C ALA A 192 7.29 14.01 8.13
N ARG A 193 5.97 13.90 8.29
CA ARG A 193 5.27 14.60 9.38
C ARG A 193 5.61 14.03 10.75
N HIS A 194 5.58 12.70 10.84
CA HIS A 194 6.19 11.96 11.94
C HIS A 194 6.94 10.81 11.31
N PHE A 195 8.11 10.54 11.87
CA PHE A 195 9.01 9.52 11.38
C PHE A 195 8.62 8.18 11.98
N PHE A 196 8.74 7.13 11.16
CA PHE A 196 8.57 5.76 11.65
C PHE A 196 9.80 4.95 11.27
N THR A 197 10.18 4.04 12.16
CA THR A 197 11.40 3.24 11.99
C THR A 197 11.29 2.25 10.86
N VAL A 198 12.43 1.77 10.40
CA VAL A 198 12.44 0.71 9.39
C VAL A 198 11.56 -0.47 9.85
N ASP A 199 11.67 -0.88 11.12
CA ASP A 199 10.84 -2.00 11.63
C ASP A 199 9.33 -1.69 11.52
N GLU A 200 8.97 -0.47 11.92
CA GLU A 200 7.59 -0.03 11.87
C GLU A 200 7.06 -0.01 10.43
N VAL A 201 7.88 0.46 9.48
CA VAL A 201 7.51 0.51 8.08
C VAL A 201 7.35 -0.91 7.52
N LYS A 202 8.33 -1.76 7.79
CA LYS A 202 8.24 -3.18 7.40
C LYS A 202 6.97 -3.85 7.93
N ARG A 203 6.63 -3.59 9.19
CA ARG A 203 5.42 -4.17 9.74
C ARG A 203 4.16 -3.74 8.95
N GLN A 204 4.06 -2.45 8.62
CA GLN A 204 2.87 -1.98 7.91
C GLN A 204 2.82 -2.57 6.51
N ILE A 205 3.98 -2.68 5.85
CA ILE A 205 4.09 -3.33 4.55
C ILE A 205 3.62 -4.78 4.67
N ASP A 206 4.17 -5.49 5.66
CA ASP A 206 3.78 -6.87 5.91
C ASP A 206 2.28 -7.03 6.11
N LEU A 207 1.71 -6.23 7.01
CA LEU A 207 0.29 -6.33 7.32
C LEU A 207 -0.58 -6.08 6.06
N ALA A 208 -0.23 -5.04 5.31
CA ALA A 208 -1.00 -4.66 4.10
C ALA A 208 -0.95 -5.75 3.04
N SER A 209 0.21 -6.41 2.93
CA SER A 209 0.42 -7.48 1.95
C SER A 209 -0.58 -8.62 2.14
N GLN A 210 -1.00 -8.84 3.39
CA GLN A 210 -1.91 -9.93 3.72
C GLN A 210 -3.34 -9.67 3.20
N TYR A 211 -3.58 -8.42 2.78
CA TYR A 211 -4.87 -8.03 2.22
C TYR A 211 -4.73 -7.67 0.73
N LYS A 212 -3.63 -8.14 0.13
CA LYS A 212 -3.34 -8.05 -1.32
C LYS A 212 -3.07 -6.63 -1.81
N ILE A 213 -2.71 -5.73 -0.89
CA ILE A 213 -2.13 -4.46 -1.27
C ILE A 213 -0.84 -4.80 -1.99
N ASN A 214 -0.59 -4.19 -3.15
CA ASN A 214 0.59 -4.54 -3.94
C ASN A 214 1.51 -3.35 -4.27
N LYS A 215 1.23 -2.18 -3.70
CA LYS A 215 2.04 -0.97 -3.91
C LYS A 215 2.21 -0.21 -2.62
N PHE A 216 3.42 0.28 -2.36
CA PHE A 216 3.68 1.07 -1.16
C PHE A 216 4.36 2.36 -1.60
N HIS A 217 3.66 3.47 -1.37
CA HIS A 217 4.14 4.82 -1.70
C HIS A 217 4.73 5.49 -0.44
N MET A 218 5.99 5.88 -0.49
CA MET A 218 6.62 6.51 0.69
C MET A 218 6.72 7.99 0.46
N HIS A 219 6.04 8.75 1.31
CA HIS A 219 6.10 10.22 1.26
C HIS A 219 7.31 10.60 2.14
N LEU A 220 8.46 10.72 1.47
CA LEU A 220 9.78 10.81 2.11
C LEU A 220 10.22 12.21 2.51
N SER A 221 9.49 13.24 2.06
CA SER A 221 9.90 14.60 2.34
C SER A 221 8.70 15.51 2.34
N ASP A 222 8.73 16.49 3.23
CA ASP A 222 7.72 17.53 3.24
C ASP A 222 8.28 18.76 3.97
N ASP A 223 7.40 19.60 4.50
CA ASP A 223 7.84 20.83 5.11
C ASP A 223 8.57 20.59 6.40
N GLN A 224 8.13 19.57 7.14
CA GLN A 224 8.58 19.33 8.52
C GLN A 224 9.75 18.36 8.64
N GLY A 225 10.11 17.71 7.54
CA GLY A 225 11.24 16.79 7.56
C GLY A 225 11.62 16.20 6.23
N TRP A 226 12.89 15.82 6.15
CA TRP A 226 13.45 15.16 4.98
C TRP A 226 14.01 13.82 5.46
N ARG A 227 13.58 12.68 4.86
CA ARG A 227 13.83 11.34 5.43
C ARG A 227 14.72 10.41 4.63
N ILE A 228 15.36 10.89 3.58
CA ILE A 228 16.20 10.02 2.76
C ILE A 228 17.60 10.59 2.57
N GLU A 229 18.61 9.80 2.95
CA GLU A 229 20.00 10.19 2.76
C GLU A 229 20.31 10.53 1.29
N ILE A 230 20.83 11.73 1.05
CA ILE A 230 21.30 12.16 -0.27
C ILE A 230 22.76 12.56 -0.09
N LYS A 231 23.64 11.70 -0.54
CA LYS A 231 25.09 11.85 -0.26
C LYS A 231 25.68 13.16 -0.79
N SER A 232 25.21 13.63 -1.95
CA SER A 232 25.69 14.88 -2.55
C SER A 232 25.15 16.16 -1.88
N TRP A 233 24.14 15.99 -1.00
CA TRP A 233 23.55 17.10 -0.25
C TRP A 233 23.34 16.67 1.21
N PRO A 234 24.44 16.45 1.96
CA PRO A 234 24.33 15.80 3.27
C PRO A 234 23.51 16.58 4.31
N ASP A 235 23.37 17.91 4.17
CA ASP A 235 22.60 18.65 5.17
C ASP A 235 21.09 18.41 5.12
N LEU A 236 20.60 17.77 4.06
CA LEU A 236 19.19 17.34 4.02
C LEU A 236 18.88 16.46 5.22
N ILE A 237 19.84 15.60 5.57
CA ILE A 237 19.79 14.79 6.79
C ILE A 237 20.32 15.52 8.04
N GLU A 238 21.51 16.11 7.94
CA GLU A 238 22.15 16.72 9.10
C GLU A 238 21.28 17.83 9.71
N ILE A 239 20.54 18.54 8.86
CA ILE A 239 19.64 19.59 9.33
C ILE A 239 18.18 19.20 9.10
N GLY A 240 17.86 18.81 7.86
CA GLY A 240 16.46 18.61 7.46
C GLY A 240 15.71 17.42 8.04
N SER A 241 16.42 16.46 8.61
CA SER A 241 15.82 15.27 9.24
C SER A 241 15.59 15.41 10.74
N LYS A 242 16.10 16.50 11.33
CA LYS A 242 16.23 16.59 12.78
C LYS A 242 14.95 17.00 13.53
N GLY A 243 13.84 17.12 12.83
CA GLY A 243 12.58 17.49 13.47
C GLY A 243 11.41 16.74 12.86
N GLN A 244 10.21 17.14 13.25
CA GLN A 244 8.97 16.60 12.72
C GLN A 244 7.85 17.46 13.28
N VAL A 245 6.61 17.19 12.89
CA VAL A 245 5.46 17.88 13.50
C VAL A 245 5.53 17.78 15.03
N GLY A 246 5.33 18.91 15.70
CA GLY A 246 5.30 18.95 17.17
C GLY A 246 6.69 19.03 17.82
N GLY A 247 7.75 18.95 17.02
CA GLY A 247 9.11 19.09 17.54
C GLY A 247 9.84 17.88 18.15
N GLY A 248 9.37 16.65 17.93
CA GLY A 248 10.19 15.47 18.27
C GLY A 248 11.59 15.46 17.63
N PRO A 249 12.35 14.35 17.79
CA PRO A 249 13.69 14.33 17.18
C PRO A 249 13.71 14.00 15.68
N GLY A 250 12.62 13.48 15.13
CA GLY A 250 12.63 13.13 13.70
C GLY A 250 13.34 11.81 13.42
N GLY A 251 14.23 11.80 12.43
CA GLY A 251 14.83 10.56 11.97
C GLY A 251 15.01 10.54 10.46
N TYR A 252 15.68 9.52 9.96
CA TYR A 252 15.79 9.33 8.52
C TYR A 252 16.20 7.88 8.18
N TYR A 253 16.11 7.56 6.88
CA TYR A 253 16.61 6.30 6.33
C TYR A 253 17.90 6.56 5.60
N THR A 254 18.95 5.81 5.94
CA THR A 254 20.13 5.77 5.08
C THR A 254 19.70 5.13 3.74
N GLN A 255 20.50 5.32 2.69
CA GLN A 255 20.24 4.60 1.46
C GLN A 255 20.25 3.08 1.65
N GLU A 256 21.10 2.57 2.54
CA GLU A 256 21.09 1.12 2.84
C GLU A 256 19.77 0.72 3.47
N GLN A 257 19.25 1.54 4.38
CA GLN A 257 17.94 1.23 5.00
C GLN A 257 16.78 1.30 3.98
N PHE A 258 16.83 2.25 3.06
CA PHE A 258 15.83 2.33 2.01
C PHE A 258 15.89 1.08 1.13
N LYS A 259 17.09 0.65 0.75
CA LYS A 259 17.23 -0.58 -0.04
C LYS A 259 16.65 -1.80 0.70
N ASP A 260 16.82 -1.82 2.01
CA ASP A 260 16.34 -2.94 2.82
C ASP A 260 14.80 -2.95 2.79
N ILE A 261 14.19 -1.77 2.85
CA ILE A 261 12.73 -1.67 2.81
C ILE A 261 12.21 -2.19 1.43
N VAL A 262 12.85 -1.71 0.36
CA VAL A 262 12.56 -2.14 -1.00
C VAL A 262 12.65 -3.66 -1.13
N SER A 263 13.73 -4.23 -0.58
CA SER A 263 13.95 -5.67 -0.65
C SER A 263 12.83 -6.42 0.11
N TYR A 264 12.52 -5.97 1.32
CA TYR A 264 11.44 -6.56 2.13
C TYR A 264 10.10 -6.52 1.38
N ALA A 265 9.80 -5.37 0.76
CA ALA A 265 8.59 -5.22 -0.06
C ALA A 265 8.61 -6.17 -1.28
N ALA A 266 9.78 -6.33 -1.90
CA ALA A 266 9.90 -7.15 -3.09
C ALA A 266 9.55 -8.61 -2.82
N GLU A 267 9.83 -9.05 -1.59
CA GLU A 267 9.51 -10.43 -1.16
C GLU A 267 8.01 -10.66 -1.09
N ARG A 268 7.27 -9.56 -1.03
CA ARG A 268 5.80 -9.56 -1.01
C ARG A 268 5.20 -9.08 -2.31
N TYR A 269 6.03 -8.99 -3.35
CA TYR A 269 5.62 -8.52 -4.67
C TYR A 269 4.93 -7.14 -4.53
N ILE A 270 5.53 -6.30 -3.70
CA ILE A 270 5.08 -4.94 -3.50
C ILE A 270 6.12 -3.99 -4.08
N GLU A 271 5.64 -3.16 -5.01
CA GLU A 271 6.44 -2.13 -5.61
C GLU A 271 6.50 -0.95 -4.66
N VAL A 272 7.70 -0.43 -4.42
CA VAL A 272 7.88 0.77 -3.58
C VAL A 272 8.06 1.97 -4.50
N ILE A 273 7.22 2.98 -4.34
CA ILE A 273 7.33 4.21 -5.12
C ILE A 273 7.71 5.33 -4.16
N PRO A 274 8.95 5.83 -4.25
CA PRO A 274 9.40 6.91 -3.38
C PRO A 274 8.90 8.27 -3.87
N GLU A 275 8.47 9.13 -2.96
CA GLU A 275 8.06 10.49 -3.32
C GLU A 275 8.98 11.54 -2.72
N ILE A 276 9.54 12.39 -3.59
CA ILE A 276 10.13 13.66 -3.17
C ILE A 276 9.22 14.77 -3.69
N ASP A 277 8.45 15.37 -2.78
CA ASP A 277 7.41 16.31 -3.17
C ASP A 277 8.04 17.64 -3.61
N MET A 278 7.59 18.16 -4.76
CA MET A 278 8.14 19.40 -5.33
C MET A 278 7.12 20.00 -6.33
N PRO A 279 7.14 21.33 -6.58
CA PRO A 279 8.01 22.34 -5.98
C PRO A 279 7.51 22.83 -4.60
N GLY A 280 6.29 22.45 -4.23
CA GLY A 280 5.78 22.80 -2.91
C GLY A 280 6.12 21.73 -1.87
N HIS A 281 5.71 21.96 -0.62
CA HIS A 281 5.96 21.02 0.46
C HIS A 281 7.45 20.72 0.58
N THR A 282 8.25 21.78 0.46
CA THR A 282 9.71 21.66 0.38
C THR A 282 10.45 22.38 1.50
N ASN A 283 9.74 22.85 2.53
CA ASN A 283 10.44 23.61 3.58
C ASN A 283 11.67 22.89 4.17
N ALA A 284 11.61 21.57 4.38
CA ALA A 284 12.76 20.88 5.00
C ALA A 284 14.04 21.03 4.15
N ALA A 285 13.91 20.93 2.84
CA ALA A 285 15.07 21.15 1.95
C ALA A 285 15.53 22.62 2.06
N LEU A 286 14.54 23.53 2.08
CA LEU A 286 14.80 24.99 2.16
C LEU A 286 15.43 25.42 3.47
N ALA A 287 15.20 24.60 4.50
CA ALA A 287 15.76 24.84 5.84
C ALA A 287 17.16 24.23 5.95
N SER A 288 17.53 23.40 4.97
CA SER A 288 18.82 22.68 4.98
C SER A 288 19.87 23.45 4.18
N TYR A 289 19.43 24.07 3.08
CA TYR A 289 20.33 24.74 2.14
C TYR A 289 19.83 26.14 1.81
N GLY A 290 20.58 27.13 2.27
CA GLY A 290 20.21 28.53 2.05
C GLY A 290 20.19 28.90 0.58
N GLU A 291 21.06 28.27 -0.22
CA GLU A 291 21.15 28.56 -1.65
C GLU A 291 19.89 28.16 -2.44
N LEU A 292 19.02 27.38 -1.81
CA LEU A 292 17.73 27.00 -2.42
C LEU A 292 16.68 28.09 -2.26
N ASN A 293 17.03 29.15 -1.53
CA ASN A 293 16.13 30.28 -1.24
C ASN A 293 16.64 31.54 -1.92
N PRO A 294 15.72 32.42 -2.36
CA PRO A 294 16.10 33.68 -3.03
C PRO A 294 17.10 34.51 -2.23
N ASP A 295 16.91 34.60 -0.92
CA ASP A 295 17.78 35.43 -0.10
C ASP A 295 19.06 34.70 0.37
N GLY A 296 19.24 33.47 -0.09
CA GLY A 296 20.42 32.70 0.25
C GLY A 296 20.52 32.20 1.69
N LYS A 297 19.49 32.42 2.50
CA LYS A 297 19.48 32.01 3.90
C LYS A 297 18.62 30.79 4.10
N ARG A 298 19.02 29.91 5.00
CA ARG A 298 18.21 28.74 5.34
C ARG A 298 16.87 29.21 5.94
N LYS A 299 15.79 28.51 5.61
CA LYS A 299 14.54 28.75 6.31
C LYS A 299 14.65 28.15 7.72
N ALA A 300 13.91 28.73 8.67
CA ALA A 300 13.68 28.07 9.95
C ALA A 300 12.91 26.76 9.70
N MET A 301 13.22 25.73 10.48
CA MET A 301 12.47 24.48 10.43
C MET A 301 11.02 24.75 10.89
N ARG A 302 10.07 24.02 10.31
CA ARG A 302 8.66 24.15 10.66
C ARG A 302 8.15 22.87 11.35
N THR A 303 7.47 23.03 12.47
CA THR A 303 6.91 21.90 13.24
C THR A 303 5.37 22.01 13.38
N ASP A 304 4.79 23.01 12.73
CA ASP A 304 3.31 23.15 12.65
C ASP A 304 2.74 22.24 11.55
N THR A 305 1.46 22.42 11.23
CA THR A 305 0.79 21.57 10.25
C THR A 305 0.23 22.35 9.04
N ALA A 306 0.61 23.62 8.88
CA ALA A 306 0.16 24.39 7.71
C ALA A 306 0.70 23.76 6.44
N VAL A 307 -0.01 23.97 5.34
CA VAL A 307 0.43 23.48 4.03
C VAL A 307 0.36 24.64 3.04
N GLY A 308 1.07 24.50 1.92
CA GLY A 308 0.88 25.39 0.75
C GLY A 308 1.86 26.53 0.59
N TYR A 309 2.64 26.83 1.62
CA TYR A 309 3.40 28.09 1.68
C TYR A 309 4.80 28.03 1.06
N SER A 310 5.33 26.83 0.89
CA SER A 310 6.74 26.65 0.54
C SER A 310 6.90 26.43 -0.96
N THR A 311 8.05 26.86 -1.51
CA THR A 311 8.34 26.69 -2.94
C THR A 311 9.84 26.64 -3.18
N LEU A 312 10.26 25.77 -4.09
CA LEU A 312 11.58 25.87 -4.69
C LEU A 312 11.57 27.08 -5.65
N MET A 313 12.76 27.57 -6.02
CA MET A 313 12.90 28.66 -6.97
C MET A 313 12.75 28.08 -8.37
N PRO A 314 11.63 28.37 -9.04
CA PRO A 314 11.34 27.72 -10.34
C PRO A 314 12.23 28.19 -11.50
N ARG A 315 12.89 29.32 -11.35
CA ARG A 315 13.69 29.86 -12.45
C ARG A 315 15.16 29.98 -12.14
N ALA A 316 15.62 29.24 -11.14
CA ALA A 316 17.04 29.21 -10.78
C ALA A 316 17.62 27.86 -11.13
N GLU A 317 18.72 27.84 -11.87
CA GLU A 317 19.33 26.57 -12.25
C GLU A 317 19.78 25.70 -11.07
N ILE A 318 20.17 26.33 -9.97
CA ILE A 318 20.50 25.58 -8.75
C ILE A 318 19.36 24.64 -8.32
N THR A 319 18.13 25.07 -8.57
CA THR A 319 16.97 24.24 -8.25
C THR A 319 17.00 22.94 -9.02
N TYR A 320 17.29 23.04 -10.32
CA TYR A 320 17.30 21.87 -11.18
C TYR A 320 18.52 21.01 -10.98
N GLN A 321 19.64 21.62 -10.58
CA GLN A 321 20.82 20.84 -10.16
C GLN A 321 20.50 19.99 -8.92
N PHE A 322 19.98 20.63 -7.87
CA PHE A 322 19.45 19.96 -6.68
C PHE A 322 18.52 18.78 -7.02
N VAL A 323 17.47 19.04 -7.80
CA VAL A 323 16.50 17.98 -8.15
C VAL A 323 17.21 16.83 -8.89
N GLU A 324 18.13 17.18 -9.80
CA GLU A 324 18.85 16.14 -10.53
C GLU A 324 19.72 15.29 -9.61
N ASP A 325 20.41 15.91 -8.67
CA ASP A 325 21.22 15.12 -7.73
C ASP A 325 20.35 14.18 -6.89
N VAL A 326 19.23 14.70 -6.39
CA VAL A 326 18.28 13.92 -5.61
C VAL A 326 17.73 12.78 -6.47
N ILE A 327 17.25 13.08 -7.66
CA ILE A 327 16.68 12.06 -8.55
C ILE A 327 17.72 11.01 -8.92
N SER A 328 18.94 11.45 -9.25
CA SER A 328 20.02 10.53 -9.58
C SER A 328 20.29 9.50 -8.47
N GLU A 329 20.37 9.97 -7.23
CA GLU A 329 20.72 9.08 -6.12
C GLU A 329 19.55 8.16 -5.79
N LEU A 330 18.35 8.71 -5.83
CA LEU A 330 17.13 7.95 -5.54
C LEU A 330 16.92 6.87 -6.64
N ALA A 331 17.07 7.25 -7.91
CA ALA A 331 16.94 6.31 -9.01
C ALA A 331 17.91 5.13 -8.84
N ALA A 332 19.15 5.42 -8.44
CA ALA A 332 20.16 4.38 -8.22
C ALA A 332 19.75 3.29 -7.22
N ILE A 333 18.88 3.64 -6.28
CA ILE A 333 18.55 2.71 -5.20
C ILE A 333 17.07 2.28 -5.20
N SER A 334 16.33 2.72 -6.22
CA SER A 334 14.88 2.46 -6.31
C SER A 334 14.53 1.79 -7.63
N PRO A 335 14.38 0.45 -7.64
CA PRO A 335 14.15 -0.28 -8.88
C PRO A 335 12.77 -0.04 -9.53
N SER A 336 11.79 0.45 -8.78
CA SER A 336 10.51 0.83 -9.41
C SER A 336 10.74 1.72 -10.64
N PRO A 337 10.01 1.45 -11.75
CA PRO A 337 10.10 2.33 -12.91
C PRO A 337 9.48 3.71 -12.70
N TYR A 338 8.83 3.91 -11.54
CA TYR A 338 8.19 5.16 -11.17
C TYR A 338 8.90 5.92 -10.05
N ILE A 339 8.94 7.22 -10.20
CA ILE A 339 9.26 8.11 -9.07
C ILE A 339 8.10 9.11 -8.92
N HIS A 340 7.69 9.38 -7.68
CA HIS A 340 6.62 10.31 -7.43
C HIS A 340 7.27 11.65 -7.13
N LEU A 341 6.94 12.69 -7.89
CA LEU A 341 7.52 14.02 -7.65
C LEU A 341 6.53 14.99 -7.00
N GLY A 342 5.43 14.46 -6.45
CA GLY A 342 4.47 15.31 -5.74
C GLY A 342 3.69 16.27 -6.63
N GLY A 343 3.79 17.55 -6.32
CA GLY A 343 3.16 18.60 -7.14
C GLY A 343 1.88 19.16 -6.55
N ASP A 344 1.54 18.75 -5.33
CA ASP A 344 0.35 19.26 -4.66
C ASP A 344 0.62 20.60 -3.95
N GLU A 345 -0.39 21.46 -3.92
CA GLU A 345 -0.40 22.64 -3.06
C GLU A 345 0.84 23.52 -3.19
N SER A 346 1.21 23.79 -4.42
CA SER A 346 2.28 24.75 -4.72
C SER A 346 1.70 26.17 -4.75
N ASN A 347 1.09 26.59 -3.65
CA ASN A 347 0.35 27.85 -3.60
C ASN A 347 1.26 29.07 -3.59
N ALA A 348 2.55 28.84 -3.46
CA ALA A 348 3.53 29.93 -3.51
C ALA A 348 4.29 29.87 -4.85
N THR A 349 3.72 29.14 -5.81
CA THR A 349 4.30 29.00 -7.17
C THR A 349 3.22 29.41 -8.16
N SER A 350 3.56 30.28 -9.10
CA SER A 350 2.59 30.75 -10.10
C SER A 350 2.22 29.58 -11.02
N ALA A 351 1.04 29.64 -11.62
CA ALA A 351 0.64 28.62 -12.61
C ALA A 351 1.70 28.45 -13.70
N ALA A 352 2.20 29.57 -14.24
CA ALA A 352 3.19 29.50 -15.31
C ALA A 352 4.46 28.82 -14.84
N ASP A 353 4.92 29.16 -13.63
CA ASP A 353 6.18 28.59 -13.09
C ASP A 353 6.00 27.10 -12.71
N TYR A 354 4.82 26.76 -12.21
CA TYR A 354 4.51 25.35 -11.93
C TYR A 354 4.52 24.49 -13.19
N ASP A 355 3.90 25.00 -14.25
CA ASP A 355 3.86 24.30 -15.51
C ASP A 355 5.29 24.04 -15.99
N TYR A 356 6.10 25.09 -15.97
CA TYR A 356 7.49 25.04 -16.38
C TYR A 356 8.31 24.10 -15.48
N PHE A 357 8.17 24.30 -14.17
CA PHE A 357 8.92 23.49 -13.22
C PHE A 357 8.64 21.98 -13.37
N PHE A 358 7.37 21.61 -13.36
CA PHE A 358 7.05 20.20 -13.39
C PHE A 358 7.50 19.55 -14.68
N GLY A 359 7.44 20.29 -15.78
CA GLY A 359 7.95 19.78 -17.06
C GLY A 359 9.46 19.54 -17.02
N ARG A 360 10.21 20.46 -16.44
CA ARG A 360 11.66 20.28 -16.31
C ARG A 360 12.05 19.09 -15.46
N VAL A 361 11.41 18.93 -14.31
CA VAL A 361 11.74 17.80 -13.46
C VAL A 361 11.27 16.48 -14.03
N THR A 362 10.19 16.49 -14.82
CA THR A 362 9.78 15.26 -15.54
C THR A 362 10.88 14.85 -16.53
N ALA A 363 11.42 15.81 -17.29
CA ALA A 363 12.55 15.52 -18.20
C ALA A 363 13.75 14.96 -17.44
N ILE A 364 14.07 15.53 -16.28
CA ILE A 364 15.20 14.98 -15.48
C ILE A 364 14.90 13.52 -15.09
N ALA A 365 13.74 13.28 -14.48
CA ALA A 365 13.35 11.92 -14.10
C ALA A 365 13.46 10.94 -15.27
N ASN A 366 12.96 11.35 -16.43
CA ASN A 366 12.92 10.48 -17.60
C ASN A 366 14.35 10.17 -18.07
N SER A 367 15.24 11.14 -17.99
CA SER A 367 16.65 10.93 -18.36
C SER A 367 17.36 9.92 -17.45
N TYR A 368 16.82 9.73 -16.25
CA TYR A 368 17.33 8.72 -15.32
C TYR A 368 16.49 7.44 -15.36
N GLY A 369 15.75 7.25 -16.45
CA GLY A 369 14.98 6.01 -16.67
C GLY A 369 13.74 5.86 -15.82
N LYS A 370 13.23 6.95 -15.23
CA LYS A 370 12.04 6.86 -14.40
C LYS A 370 10.87 7.65 -14.99
N LYS A 371 9.68 7.04 -14.92
CA LYS A 371 8.42 7.72 -15.22
C LYS A 371 7.92 8.44 -13.97
N VAL A 372 7.21 9.54 -14.14
CA VAL A 372 6.80 10.40 -13.02
C VAL A 372 5.33 10.19 -12.64
N VAL A 373 5.08 10.06 -11.35
CA VAL A 373 3.73 10.13 -10.76
C VAL A 373 3.67 11.50 -10.08
N GLY A 374 2.51 12.13 -10.12
CA GLY A 374 2.32 13.43 -9.46
C GLY A 374 0.88 13.60 -9.04
N TRP A 375 0.67 14.33 -7.95
CA TRP A 375 -0.67 14.71 -7.50
C TRP A 375 -1.27 15.69 -8.51
N ASP A 376 -2.59 15.71 -8.66
CA ASP A 376 -3.19 16.82 -9.40
C ASP A 376 -2.81 18.14 -8.71
N PRO A 377 -2.57 19.21 -9.49
CA PRO A 377 -2.80 19.32 -10.93
C PRO A 377 -1.57 19.04 -11.83
N SER A 378 -0.65 18.18 -11.40
CA SER A 378 0.60 17.97 -12.18
C SER A 378 0.40 17.47 -13.62
N ASP A 379 -0.70 16.77 -13.88
CA ASP A 379 -1.02 16.32 -15.25
C ASP A 379 -1.17 17.45 -16.27
N THR A 380 -1.54 18.64 -15.78
CA THR A 380 -1.67 19.81 -16.64
C THR A 380 -0.32 20.38 -17.11
N SER A 381 0.80 19.91 -16.57
CA SER A 381 2.10 20.42 -17.03
C SER A 381 2.28 20.09 -18.52
N SER A 382 2.69 21.08 -19.30
CA SER A 382 2.92 20.82 -20.73
C SER A 382 4.09 19.88 -20.98
N GLY A 383 4.89 19.62 -19.94
CA GLY A 383 6.02 18.70 -20.02
C GLY A 383 5.70 17.26 -19.62
N ALA A 384 4.45 17.01 -19.21
CA ALA A 384 4.01 15.64 -18.91
C ALA A 384 4.00 14.82 -20.20
N THR A 385 4.19 13.50 -20.09
CA THR A 385 4.02 12.61 -21.23
C THR A 385 2.89 11.62 -20.93
N SER A 386 2.47 10.84 -21.92
CA SER A 386 1.48 9.81 -21.67
C SER A 386 2.00 8.68 -20.74
N ASP A 387 3.32 8.60 -20.53
CA ASP A 387 3.89 7.69 -19.53
C ASP A 387 3.76 8.24 -18.09
N SER A 388 3.53 9.54 -17.95
CA SER A 388 3.34 10.08 -16.60
C SER A 388 2.03 9.54 -16.03
N VAL A 389 1.92 9.55 -14.71
CA VAL A 389 0.72 9.04 -14.01
C VAL A 389 0.21 10.15 -13.11
N LEU A 390 -1.10 10.34 -13.11
CA LEU A 390 -1.76 11.27 -12.22
C LEU A 390 -2.29 10.55 -10.98
N GLN A 391 -1.96 11.07 -9.80
CA GLN A 391 -2.63 10.65 -8.58
C GLN A 391 -3.70 11.69 -8.29
N ASN A 392 -4.95 11.30 -8.54
CA ASN A 392 -6.11 12.18 -8.48
C ASN A 392 -6.64 12.11 -7.06
N TRP A 393 -6.31 13.14 -6.26
CA TRP A 393 -6.83 13.26 -4.88
C TRP A 393 -8.01 14.21 -4.80
N THR A 394 -8.07 15.18 -5.71
CA THR A 394 -9.16 16.20 -5.65
C THR A 394 -10.53 15.63 -6.05
N CYS A 395 -10.52 14.81 -7.12
CA CYS A 395 -11.71 14.09 -7.60
C CYS A 395 -12.88 15.05 -7.94
N SER A 396 -12.56 16.14 -8.63
CA SER A 396 -13.58 17.09 -9.05
C SER A 396 -13.87 16.79 -10.53
N ALA A 397 -14.97 17.34 -11.06
CA ALA A 397 -15.32 17.16 -12.48
C ALA A 397 -14.19 17.56 -13.44
N SER A 398 -13.39 18.55 -13.07
CA SER A 398 -12.34 19.02 -14.00
C SER A 398 -10.98 18.38 -13.75
N THR A 399 -10.82 17.76 -12.59
CA THR A 399 -9.54 17.10 -12.30
C THR A 399 -9.22 15.98 -13.31
N GLY A 400 -7.98 15.95 -13.80
CA GLY A 400 -7.57 14.92 -14.74
C GLY A 400 -8.09 15.06 -16.16
N THR A 401 -8.57 16.26 -16.52
CA THR A 401 -9.00 16.56 -17.89
C THR A 401 -7.75 16.41 -18.77
N ALA A 402 -6.65 17.00 -18.29
CA ALA A 402 -5.33 16.89 -18.95
C ALA A 402 -4.86 15.42 -19.05
N ALA A 403 -4.82 14.71 -17.92
CA ALA A 403 -4.44 13.29 -17.91
C ALA A 403 -5.23 12.48 -18.93
N LYS A 404 -6.56 12.63 -18.90
CA LYS A 404 -7.43 11.94 -19.86
C LYS A 404 -7.07 12.24 -21.32
N ALA A 405 -6.86 13.52 -21.63
CA ALA A 405 -6.50 13.92 -23.01
C ALA A 405 -5.15 13.39 -23.47
N LYS A 406 -4.22 13.22 -22.52
CA LYS A 406 -2.88 12.76 -22.84
C LYS A 406 -2.72 11.23 -22.75
N GLY A 407 -3.78 10.54 -22.35
CA GLY A 407 -3.74 9.08 -22.21
C GLY A 407 -2.94 8.64 -20.99
N MET A 408 -2.88 9.48 -19.96
CA MET A 408 -2.17 9.13 -18.71
C MET A 408 -3.08 8.29 -17.82
N LYS A 409 -2.52 7.19 -17.31
CA LYS A 409 -3.11 6.40 -16.24
C LYS A 409 -3.37 7.22 -15.00
N VAL A 410 -4.41 6.85 -14.26
CA VAL A 410 -4.84 7.60 -13.07
C VAL A 410 -4.98 6.68 -11.86
N ILE A 411 -4.39 7.10 -10.74
CA ILE A 411 -4.54 6.42 -9.45
C ILE A 411 -5.46 7.34 -8.64
N VAL A 412 -6.52 6.79 -8.07
CA VAL A 412 -7.50 7.60 -7.34
C VAL A 412 -7.28 7.52 -5.83
N SER A 413 -7.36 8.68 -5.19
CA SER A 413 -7.30 8.79 -3.74
C SER A 413 -8.37 9.79 -3.30
N PRO A 414 -9.67 9.40 -3.37
CA PRO A 414 -10.75 10.30 -2.98
C PRO A 414 -10.83 10.43 -1.45
N ALA A 415 -11.80 11.19 -0.94
CA ALA A 415 -12.02 11.30 0.51
C ALA A 415 -12.07 9.92 1.15
N ASN A 416 -12.75 8.98 0.49
CA ASN A 416 -12.95 7.63 1.02
C ASN A 416 -11.62 6.86 1.20
N ALA A 417 -10.55 7.33 0.56
CA ALA A 417 -9.20 6.71 0.65
C ALA A 417 -8.22 7.51 1.53
N TYR A 418 -8.70 8.64 2.08
CA TYR A 418 -7.93 9.48 2.98
C TYR A 418 -8.06 8.92 4.41
N LEU A 419 -7.22 7.94 4.72
CA LEU A 419 -7.41 7.12 5.92
C LEU A 419 -6.98 7.86 7.19
N ASP A 420 -6.32 8.99 7.01
CA ASP A 420 -6.00 9.91 8.13
C ASP A 420 -7.23 10.69 8.63
N MET A 421 -8.35 10.60 7.92
CA MET A 421 -9.57 11.25 8.40
C MET A 421 -10.10 10.51 9.63
N LYS A 422 -10.49 11.29 10.64
CA LYS A 422 -11.26 10.75 11.76
C LYS A 422 -12.34 9.76 11.30
N TYR A 423 -12.55 8.70 12.07
CA TYR A 423 -13.72 7.83 11.86
C TYR A 423 -15.03 8.59 12.15
N TYR A 424 -15.01 9.38 13.22
CA TYR A 424 -16.17 10.13 13.73
C TYR A 424 -15.70 11.44 14.29
N SER A 425 -16.66 12.35 14.47
CA SER A 425 -16.42 13.64 15.14
C SER A 425 -15.53 13.52 16.39
N ASP A 426 -15.75 12.47 17.18
CA ASP A 426 -15.03 12.31 18.43
C ASP A 426 -13.74 11.47 18.37
N SER A 427 -13.24 11.12 17.18
CA SER A 427 -11.98 10.34 17.11
C SER A 427 -10.86 11.09 17.83
N PRO A 428 -10.04 10.38 18.60
CA PRO A 428 -8.99 11.07 19.36
C PRO A 428 -7.77 11.46 18.51
N ILE A 429 -7.69 10.93 17.30
CA ILE A 429 -6.63 11.27 16.34
C ILE A 429 -7.23 11.42 14.93
N GLY A 430 -6.50 12.05 14.01
CA GLY A 430 -6.98 12.22 12.66
C GLY A 430 -7.31 13.67 12.32
N LEU A 431 -7.51 13.91 11.03
CA LEU A 431 -7.94 15.21 10.52
C LEU A 431 -9.39 15.09 10.05
N GLN A 432 -9.98 16.17 9.55
CA GLN A 432 -11.36 16.10 9.13
C GLN A 432 -11.67 17.04 7.99
N TRP A 433 -10.64 17.49 7.27
CA TRP A 433 -10.90 18.40 6.16
C TRP A 433 -11.67 17.79 4.96
N ARG A 434 -11.74 16.45 4.89
CA ARG A 434 -12.54 15.73 3.87
C ARG A 434 -13.78 15.11 4.50
N GLY A 435 -14.12 15.55 5.71
CA GLY A 435 -15.22 14.95 6.46
C GLY A 435 -14.71 13.73 7.22
N PHE A 436 -15.62 12.99 7.86
CA PHE A 436 -15.24 11.80 8.62
C PHE A 436 -15.29 10.63 7.65
N VAL A 437 -14.42 9.66 7.86
CA VAL A 437 -14.38 8.47 7.00
C VAL A 437 -14.37 7.26 7.92
N ASN A 438 -15.55 6.70 8.17
CA ASN A 438 -15.62 5.48 8.94
C ASN A 438 -15.43 4.24 8.03
N THR A 439 -15.56 3.04 8.60
CA THR A 439 -15.32 1.81 7.85
C THR A 439 -16.29 1.64 6.68
N ASN A 440 -17.53 2.08 6.88
CA ASN A 440 -18.56 2.04 5.84
C ASN A 440 -18.24 3.01 4.69
N ARG A 441 -17.90 4.26 5.02
CA ARG A 441 -17.46 5.24 4.02
C ARG A 441 -16.24 4.77 3.22
N ALA A 442 -15.32 4.08 3.91
CA ALA A 442 -14.10 3.61 3.27
C ALA A 442 -14.39 2.47 2.29
N TYR A 443 -15.59 1.88 2.41
CA TYR A 443 -16.07 0.80 1.52
C TYR A 443 -17.00 1.25 0.38
N ASN A 444 -17.96 2.14 0.68
CA ASN A 444 -19.06 2.44 -0.24
C ASN A 444 -18.72 3.51 -1.25
N TRP A 445 -17.89 3.13 -2.21
CA TRP A 445 -17.48 4.02 -3.28
C TRP A 445 -16.93 3.17 -4.43
N ASP A 446 -16.73 3.81 -5.57
CA ASP A 446 -16.11 3.17 -6.72
C ASP A 446 -15.09 4.14 -7.29
N PRO A 447 -13.96 3.62 -7.80
CA PRO A 447 -12.99 4.54 -8.43
C PRO A 447 -13.58 5.50 -9.47
N THR A 448 -14.59 5.05 -10.23
CA THR A 448 -15.27 5.94 -11.18
C THR A 448 -16.08 7.10 -10.55
N ASP A 449 -16.35 7.04 -9.24
CA ASP A 449 -16.91 8.20 -8.53
C ASP A 449 -15.91 9.36 -8.50
N CYS A 450 -14.62 9.06 -8.41
CA CYS A 450 -13.58 10.10 -8.41
C CYS A 450 -13.42 10.77 -9.78
N ILE A 451 -13.23 9.94 -10.82
CA ILE A 451 -13.02 10.41 -12.19
C ILE A 451 -13.75 9.50 -13.18
N LYS A 452 -14.42 10.11 -14.16
CA LYS A 452 -15.08 9.35 -15.22
C LYS A 452 -14.27 9.54 -16.48
N GLY A 453 -14.29 8.53 -17.34
CA GLY A 453 -13.72 8.61 -18.68
C GLY A 453 -12.20 8.44 -18.70
N ALA A 454 -11.62 7.95 -17.60
CA ALA A 454 -10.15 7.81 -17.48
C ALA A 454 -9.73 6.33 -17.54
N ASN A 455 -8.43 6.12 -17.78
CA ASN A 455 -7.80 4.83 -17.65
C ASN A 455 -7.38 4.79 -16.19
N ILE A 456 -8.21 4.14 -15.36
CA ILE A 456 -7.91 4.07 -13.93
C ILE A 456 -6.98 2.88 -13.66
N TYR A 457 -5.75 3.21 -13.34
CA TYR A 457 -4.71 2.27 -12.96
C TYR A 457 -5.11 1.59 -11.63
N GLY A 458 -5.66 2.36 -10.70
CA GLY A 458 -6.23 1.80 -9.49
C GLY A 458 -6.39 2.84 -8.40
N VAL A 459 -6.14 2.38 -7.17
CA VAL A 459 -6.52 3.06 -5.94
C VAL A 459 -5.33 3.19 -5.01
N GLU A 460 -5.25 4.29 -4.27
CA GLU A 460 -4.23 4.39 -3.24
C GLU A 460 -4.79 5.03 -1.99
N SER A 461 -4.70 4.27 -0.88
CA SER A 461 -5.03 4.74 0.45
C SER A 461 -3.91 5.62 0.97
N THR A 462 -4.22 6.83 1.38
CA THR A 462 -3.15 7.72 1.86
C THR A 462 -3.23 7.89 3.38
N LEU A 463 -2.15 7.54 4.08
CA LEU A 463 -2.08 7.81 5.51
C LEU A 463 -1.08 8.92 5.81
N TRP A 464 -1.60 10.13 5.82
CA TRP A 464 -0.88 11.31 6.25
C TRP A 464 -0.69 11.24 7.77
N THR A 465 0.39 11.84 8.27
CA THR A 465 0.73 11.63 9.70
C THR A 465 0.87 12.88 10.57
N GLU A 466 0.21 13.98 10.20
CA GLU A 466 0.12 15.17 11.07
C GLU A 466 -0.16 14.84 12.52
N THR A 467 -1.09 13.91 12.75
CA THR A 467 -1.61 13.65 14.10
C THR A 467 -1.27 12.23 14.61
N PHE A 468 -0.47 11.48 13.85
CA PHE A 468 -0.12 10.12 14.23
C PHE A 468 1.34 10.06 14.61
N VAL A 469 1.60 9.63 15.84
CA VAL A 469 2.94 9.66 16.43
C VAL A 469 3.46 8.24 16.65
N THR A 470 2.56 7.34 17.03
CA THR A 470 2.97 5.98 17.43
C THR A 470 2.47 4.92 16.46
N GLN A 471 3.09 3.74 16.52
CA GLN A 471 2.57 2.59 15.82
C GLN A 471 1.09 2.30 16.12
N ASP A 472 0.68 2.38 17.39
CA ASP A 472 -0.72 2.15 17.72
C ASP A 472 -1.64 3.13 16.95
N HIS A 473 -1.18 4.37 16.72
CA HIS A 473 -1.98 5.36 15.97
C HIS A 473 -2.20 4.91 14.52
N LEU A 474 -1.12 4.46 13.88
CA LEU A 474 -1.20 3.89 12.52
C LEU A 474 -2.20 2.73 12.45
N ASP A 475 -2.02 1.78 13.37
CA ASP A 475 -2.91 0.61 13.42
C ASP A 475 -4.36 1.02 13.53
N TYR A 476 -4.64 1.95 14.43
CA TYR A 476 -6.00 2.39 14.75
C TYR A 476 -6.70 2.97 13.50
N MET A 477 -5.96 3.77 12.72
CA MET A 477 -6.54 4.44 11.55
C MET A 477 -6.58 3.56 10.29
N LEU A 478 -5.59 2.68 10.13
CA LEU A 478 -5.53 1.81 8.96
C LEU A 478 -6.44 0.61 9.12
N TYR A 479 -6.71 0.20 10.36
CA TYR A 479 -7.50 -1.00 10.57
C TYR A 479 -8.72 -0.68 11.45
N PRO A 480 -9.94 -0.91 10.91
CA PRO A 480 -10.21 -1.59 9.64
C PRO A 480 -10.31 -0.79 8.33
N LYS A 481 -10.05 0.51 8.32
CA LYS A 481 -10.30 1.32 7.10
C LYS A 481 -9.62 0.78 5.84
N LEU A 482 -8.37 0.34 5.98
CA LEU A 482 -7.62 -0.16 4.83
C LEU A 482 -8.27 -1.42 4.22
N LEU A 483 -8.89 -2.24 5.06
CA LEU A 483 -9.54 -3.47 4.60
C LEU A 483 -10.65 -3.11 3.60
N SER A 484 -11.39 -2.05 3.92
CA SER A 484 -12.41 -1.52 3.04
C SER A 484 -11.82 -1.07 1.69
N ASN A 485 -10.78 -0.23 1.75
CA ASN A 485 -10.12 0.24 0.53
C ASN A 485 -9.52 -0.92 -0.29
N ALA A 486 -8.94 -1.90 0.40
CA ALA A 486 -8.33 -3.07 -0.27
C ALA A 486 -9.35 -3.87 -1.09
N GLU A 487 -10.57 -4.01 -0.56
CA GLU A 487 -11.65 -4.68 -1.30
C GLU A 487 -12.15 -3.87 -2.50
N VAL A 488 -12.30 -2.56 -2.33
CA VAL A 488 -12.61 -1.67 -3.48
C VAL A 488 -11.56 -1.85 -4.61
N GLY A 489 -10.31 -2.02 -4.24
CA GLY A 489 -9.27 -2.22 -5.25
C GLY A 489 -9.28 -3.58 -5.91
N TRP A 490 -9.57 -4.62 -5.12
CA TRP A 490 -9.47 -6.01 -5.58
C TRP A 490 -10.79 -6.53 -6.17
N THR A 491 -11.89 -6.36 -5.44
CA THR A 491 -13.16 -6.98 -5.78
C THR A 491 -13.95 -6.14 -6.78
N ALA A 492 -14.52 -6.80 -7.79
CA ALA A 492 -15.31 -6.13 -8.82
C ALA A 492 -16.50 -5.43 -8.18
N ARG A 493 -16.87 -4.26 -8.70
CA ARG A 493 -17.98 -3.47 -8.13
C ARG A 493 -19.27 -4.27 -7.99
N GLY A 494 -19.60 -5.07 -9.02
CA GLY A 494 -20.81 -5.91 -8.98
C GLY A 494 -20.88 -6.90 -7.82
N ASP A 495 -19.73 -7.18 -7.22
CA ASP A 495 -19.65 -8.18 -6.13
C ASP A 495 -19.41 -7.49 -4.78
N ARG A 496 -19.42 -6.14 -4.75
CA ARG A 496 -19.18 -5.42 -3.51
C ARG A 496 -20.50 -5.00 -2.91
N ASN A 497 -20.66 -5.21 -1.61
CA ASN A 497 -21.92 -5.00 -0.91
C ASN A 497 -21.58 -4.82 0.57
N TRP A 498 -21.95 -3.66 1.13
CA TRP A 498 -21.59 -3.33 2.52
C TRP A 498 -22.15 -4.34 3.50
N ASP A 499 -23.41 -4.73 3.32
CA ASP A 499 -24.00 -5.68 4.28
C ASP A 499 -23.23 -7.00 4.36
N ASP A 500 -22.78 -7.46 3.19
CA ASP A 500 -21.93 -8.64 3.08
C ASP A 500 -20.56 -8.40 3.76
N PHE A 501 -19.87 -7.35 3.33
CA PHE A 501 -18.53 -7.03 3.82
C PHE A 501 -18.52 -6.84 5.34
N LYS A 502 -19.53 -6.12 5.84
CA LYS A 502 -19.63 -5.84 7.27
C LYS A 502 -19.67 -7.13 8.09
N GLU A 503 -20.47 -8.10 7.64
CA GLU A 503 -20.62 -9.36 8.35
C GLU A 503 -19.32 -10.15 8.26
N ARG A 504 -18.70 -10.18 7.08
CA ARG A 504 -17.34 -10.75 6.91
C ARG A 504 -16.28 -10.11 7.81
N LEU A 505 -16.36 -8.80 7.98
CA LEU A 505 -15.45 -8.07 8.85
C LEU A 505 -15.59 -8.45 10.34
N ILE A 506 -16.82 -8.56 10.81
CA ILE A 506 -17.10 -9.11 12.14
C ILE A 506 -16.40 -10.47 12.31
N GLU A 507 -16.55 -11.34 11.32
CA GLU A 507 -15.97 -12.66 11.36
C GLU A 507 -14.44 -12.58 11.39
N HIS A 508 -13.89 -11.58 10.69
CA HIS A 508 -12.45 -11.41 10.57
C HIS A 508 -11.79 -10.86 11.85
N THR A 509 -12.58 -10.25 12.72
CA THR A 509 -12.04 -9.53 13.87
C THR A 509 -10.99 -10.25 14.71
N PRO A 510 -11.24 -11.51 15.09
CA PRO A 510 -10.21 -12.23 15.87
C PRO A 510 -8.87 -12.30 15.13
N ARG A 511 -8.91 -12.34 13.82
CA ARG A 511 -7.66 -12.38 13.05
C ARG A 511 -6.83 -11.11 13.20
N LEU A 512 -7.50 -9.97 13.22
CA LEU A 512 -6.84 -8.68 13.51
C LEU A 512 -6.20 -8.68 14.89
N GLN A 513 -6.96 -9.15 15.88
CA GLN A 513 -6.49 -9.29 17.27
C GLN A 513 -5.24 -10.18 17.32
N ASN A 514 -5.32 -11.34 16.65
CA ASN A 514 -4.22 -12.31 16.61
C ASN A 514 -2.93 -11.76 16.01
N LYS A 515 -3.07 -10.89 15.01
CA LYS A 515 -1.92 -10.25 14.37
C LYS A 515 -1.28 -9.14 15.22
N GLY A 516 -1.91 -8.80 16.35
CA GLY A 516 -1.41 -7.72 17.21
C GLY A 516 -1.72 -6.35 16.66
N ILE A 517 -2.74 -6.25 15.81
CA ILE A 517 -3.14 -4.96 15.23
C ILE A 517 -4.01 -4.20 16.24
N LYS A 518 -3.62 -2.97 16.57
CA LYS A 518 -4.37 -2.18 17.53
C LYS A 518 -5.45 -1.36 16.79
N PHE A 519 -6.39 -2.10 16.19
CA PHE A 519 -7.46 -1.57 15.32
C PHE A 519 -8.51 -0.80 16.12
N PHE A 520 -9.30 0.00 15.40
CA PHE A 520 -10.44 0.65 16.03
C PHE A 520 -11.66 -0.26 15.89
N ALA A 521 -12.33 -0.52 17.01
CA ALA A 521 -13.56 -1.31 17.00
C ALA A 521 -14.73 -0.41 16.59
N ASP A 522 -14.87 -0.24 15.28
CA ASP A 522 -15.83 0.69 14.70
C ASP A 522 -17.27 0.27 15.01
N PRO A 523 -18.05 1.16 15.67
CA PRO A 523 -19.46 0.87 16.00
C PRO A 523 -20.41 0.69 14.82
N ILE A 524 -19.97 1.02 13.59
CA ILE A 524 -20.78 0.77 12.40
C ILE A 524 -20.64 -0.67 11.90
N VAL A 525 -19.72 -1.42 12.50
CA VAL A 525 -19.51 -2.81 12.15
C VAL A 525 -20.12 -3.72 13.22
#